data_7P1W
#
_entry.id   7P1W
#
_cell.length_a   89.323
_cell.length_b   89.323
_cell.length_c   109.236
_cell.angle_alpha   90.000
_cell.angle_beta   90.000
_cell.angle_gamma   90.000
#
_symmetry.space_group_name_H-M   'I 4 2 2'
#
loop_
_entity.id
_entity.type
_entity.pdbx_description
1 polymer 'Putative regulatory protein GTNG_1019'
2 water water
#
_entity_poly.entity_id   1
_entity_poly.type   'polypeptide(L)'
_entity_poly.pdbx_seq_one_letter_code
;MGHHHHHHMMKFINIGYGNMVSAARIITIVSPDSAPIKRIIQDAREKGKLVDATHGRATAAVIITDSDHVILSSVQPETV
ANRLYGSDDFSEEG
;
_entity_poly.pdbx_strand_id   A,B
#
# COMPACT_ATOMS: atom_id res chain seq x y z
N MET A 9 -5.85 -18.97 -2.38
CA MET A 9 -4.72 -18.12 -2.76
C MET A 9 -5.21 -16.67 -2.76
N MET A 10 -4.53 -15.79 -2.04
CA MET A 10 -5.03 -14.45 -1.79
C MET A 10 -4.72 -13.49 -2.93
N LYS A 11 -5.64 -12.55 -3.15
CA LYS A 11 -5.31 -11.39 -3.97
C LYS A 11 -4.47 -10.38 -3.19
N PHE A 12 -4.81 -10.16 -1.92
CA PHE A 12 -4.12 -9.19 -1.07
C PHE A 12 -3.33 -9.93 0.01
N ILE A 13 -2.12 -9.45 0.27
CA ILE A 13 -1.22 -10.06 1.24
C ILE A 13 -1.03 -9.08 2.39
N ASN A 14 -1.19 -9.57 3.62
CA ASN A 14 -0.91 -8.78 4.81
C ASN A 14 0.60 -8.71 4.99
N ILE A 15 1.16 -7.50 4.90
CA ILE A 15 2.59 -7.30 5.04
C ILE A 15 2.95 -6.76 6.43
N GLY A 16 2.07 -6.95 7.40
CA GLY A 16 2.33 -6.58 8.78
C GLY A 16 1.47 -5.40 9.22
N TYR A 17 0.92 -5.52 10.43
CA TYR A 17 0.17 -4.45 11.08
C TYR A 17 -1.01 -3.97 10.24
N GLY A 18 -1.65 -4.89 9.52
CA GLY A 18 -2.84 -4.59 8.74
C GLY A 18 -2.60 -4.01 7.37
N ASN A 19 -1.36 -3.72 7.00
CA ASN A 19 -1.07 -3.15 5.69
C ASN A 19 -1.11 -4.23 4.62
N MET A 20 -1.66 -3.89 3.46
CA MET A 20 -1.98 -4.87 2.43
C MET A 20 -1.31 -4.50 1.11
N VAL A 21 -0.85 -5.52 0.38
CA VAL A 21 -0.30 -5.37 -0.97
C VAL A 21 -0.96 -6.38 -1.88
N SER A 22 -1.29 -5.96 -3.11
CA SER A 22 -1.80 -6.86 -4.12
C SER A 22 -0.70 -7.78 -4.62
N ALA A 23 -0.91 -9.09 -4.50
CA ALA A 23 0.13 -10.06 -4.87
C ALA A 23 0.51 -9.94 -6.34
N ALA A 24 -0.46 -9.72 -7.22
CA ALA A 24 -0.20 -9.66 -8.66
C ALA A 24 0.64 -8.45 -9.06
N ARG A 25 0.82 -7.47 -8.17
CA ARG A 25 1.58 -6.28 -8.49
C ARG A 25 3.03 -6.34 -8.01
N ILE A 26 3.41 -7.41 -7.33
CA ILE A 26 4.76 -7.52 -6.78
C ILE A 26 5.72 -8.04 -7.85
N ILE A 27 6.87 -7.38 -7.98
CA ILE A 27 7.95 -7.90 -8.81
C ILE A 27 8.92 -8.75 -8.00
N THR A 28 9.40 -8.22 -6.87
CA THR A 28 10.39 -8.91 -6.07
C THR A 28 10.28 -8.48 -4.62
N ILE A 29 10.68 -9.38 -3.72
CA ILE A 29 10.67 -9.16 -2.27
C ILE A 29 12.05 -9.56 -1.77
N VAL A 30 12.82 -8.60 -1.25
CA VAL A 30 14.23 -8.83 -0.96
C VAL A 30 14.60 -8.25 0.40
N SER A 31 15.77 -8.68 0.88
CA SER A 31 16.34 -8.16 2.13
C SER A 31 16.89 -6.75 1.91
N PRO A 32 16.85 -5.89 2.94
CA PRO A 32 17.32 -4.51 2.78
C PRO A 32 18.80 -4.30 3.05
N ASP A 33 19.62 -5.36 3.04
CA ASP A 33 20.95 -5.33 3.63
C ASP A 33 22.09 -5.25 2.61
N SER A 34 21.93 -4.48 1.54
CA SER A 34 23.04 -4.29 0.61
C SER A 34 22.83 -2.98 -0.15
N ALA A 35 23.90 -2.53 -0.79
CA ALA A 35 23.90 -1.19 -1.38
C ALA A 35 22.87 -1.00 -2.49
N PRO A 36 22.70 -1.92 -3.46
CA PRO A 36 21.74 -1.65 -4.55
C PRO A 36 20.32 -1.44 -4.07
N ILE A 37 19.81 -2.26 -3.15
CA ILE A 37 18.44 -2.05 -2.68
C ILE A 37 18.35 -0.77 -1.86
N LYS A 38 19.42 -0.39 -1.17
CA LYS A 38 19.41 0.88 -0.43
C LYS A 38 19.33 2.06 -1.38
N ARG A 39 20.02 1.98 -2.52
CA ARG A 39 19.86 2.97 -3.58
C ARG A 39 18.41 3.04 -4.06
N ILE A 40 17.76 1.89 -4.19
CA ILE A 40 16.37 1.86 -4.64
C ILE A 40 15.46 2.51 -3.60
N ILE A 41 15.73 2.29 -2.32
CA ILE A 41 14.91 2.90 -1.27
C ILE A 41 15.07 4.42 -1.28
N GLN A 42 16.31 4.89 -1.36
CA GLN A 42 16.56 6.33 -1.33
C GLN A 42 15.99 7.01 -2.57
N ASP A 43 16.14 6.38 -3.74
CA ASP A 43 15.52 6.91 -4.95
C ASP A 43 14.00 7.06 -4.77
N ALA A 44 13.35 6.03 -4.21
CA ALA A 44 11.91 6.08 -4.01
C ALA A 44 11.53 7.17 -3.01
N ARG A 45 12.32 7.35 -1.96
CA ARG A 45 12.06 8.40 -0.99
C ARG A 45 12.09 9.77 -1.67
N GLU A 46 13.11 10.01 -2.50
CA GLU A 46 13.22 11.28 -3.20
C GLU A 46 12.08 11.49 -4.19
N LYS A 47 11.68 10.43 -4.90
CA LYS A 47 10.67 10.53 -5.95
C LYS A 47 9.24 10.48 -5.43
N GLY A 48 9.03 10.23 -4.13
CA GLY A 48 7.68 10.07 -3.63
C GLY A 48 7.06 8.74 -4.02
N LYS A 49 7.87 7.69 -4.12
CA LYS A 49 7.39 6.35 -4.42
C LYS A 49 7.54 5.40 -3.23
N LEU A 50 8.08 5.87 -2.12
CA LEU A 50 8.31 5.04 -0.95
C LEU A 50 7.08 4.95 -0.06
N VAL A 51 6.81 3.75 0.45
CA VAL A 51 5.76 3.50 1.42
C VAL A 51 6.39 2.72 2.57
N ASP A 52 6.27 3.24 3.79
CA ASP A 52 6.85 2.61 4.98
C ASP A 52 5.71 1.98 5.78
N ALA A 53 5.62 0.65 5.72
CA ALA A 53 4.59 -0.10 6.44
C ALA A 53 5.16 -0.90 7.60
N THR A 54 6.33 -0.51 8.12
CA THR A 54 6.95 -1.26 9.21
C THR A 54 6.34 -0.88 10.55
N HIS A 55 5.66 0.27 10.62
CA HIS A 55 4.91 0.74 11.79
C HIS A 55 5.84 0.76 13.02
N GLY A 56 7.04 1.33 12.84
CA GLY A 56 8.08 1.52 13.85
C GLY A 56 9.03 0.36 14.07
N ARG A 57 8.93 -0.73 13.31
CA ARG A 57 9.80 -1.87 13.52
C ARG A 57 10.91 -1.92 12.47
N ALA A 58 11.89 -2.79 12.72
CA ALA A 58 12.99 -2.97 11.79
C ALA A 58 12.48 -3.42 10.43
N THR A 59 13.04 -2.84 9.37
CA THR A 59 12.72 -3.29 8.01
C THR A 59 13.33 -4.67 7.78
N ALA A 60 12.48 -5.64 7.43
CA ALA A 60 12.94 -6.98 7.12
C ALA A 60 12.77 -7.35 5.64
N ALA A 61 11.89 -6.68 4.92
CA ALA A 61 11.67 -6.96 3.51
C ALA A 61 11.37 -5.67 2.75
N VAL A 62 11.83 -5.64 1.51
CA VAL A 62 11.59 -4.52 0.60
C VAL A 62 10.82 -5.06 -0.59
N ILE A 63 9.62 -4.51 -0.81
CA ILE A 63 8.73 -4.97 -1.87
C ILE A 63 8.76 -3.95 -2.99
N ILE A 64 9.12 -4.40 -4.19
CA ILE A 64 9.10 -3.58 -5.39
C ILE A 64 7.90 -3.97 -6.23
N THR A 65 7.05 -3.00 -6.56
CA THR A 65 5.81 -3.25 -7.29
C THR A 65 5.96 -2.77 -8.73
N ASP A 66 5.02 -3.21 -9.58
CA ASP A 66 5.13 -2.90 -11.00
C ASP A 66 4.93 -1.41 -11.30
N SER A 67 4.27 -0.68 -10.41
CA SER A 67 4.19 0.77 -10.52
C SER A 67 5.46 1.44 -10.04
N ASP A 68 6.47 0.64 -9.70
CA ASP A 68 7.78 1.07 -9.25
C ASP A 68 7.69 1.81 -7.92
N HIS A 69 6.65 1.53 -7.14
CA HIS A 69 6.64 1.85 -5.72
C HIS A 69 7.54 0.88 -4.95
N VAL A 70 8.03 1.35 -3.82
CA VAL A 70 8.91 0.57 -2.95
C VAL A 70 8.28 0.59 -1.56
N ILE A 71 7.97 -0.60 -1.03
CA ILE A 71 7.20 -0.74 0.20
C ILE A 71 8.05 -1.46 1.23
N LEU A 72 8.24 -0.83 2.39
CA LEU A 72 9.00 -1.42 3.48
C LEU A 72 8.09 -2.21 4.41
N SER A 73 8.49 -3.44 4.73
CA SER A 73 7.73 -4.33 5.59
C SER A 73 8.62 -4.82 6.72
N SER A 74 7.99 -5.10 7.86
CA SER A 74 8.67 -5.66 9.02
C SER A 74 8.73 -7.18 8.98
N VAL A 75 8.24 -7.80 7.91
CA VAL A 75 8.16 -9.24 7.82
C VAL A 75 9.24 -9.82 6.94
N GLN A 76 9.65 -11.04 7.29
CA GLN A 76 10.61 -11.77 6.48
C GLN A 76 10.13 -11.86 5.03
N PRO A 77 11.02 -11.77 4.05
CA PRO A 77 10.55 -11.81 2.64
C PRO A 77 9.85 -13.10 2.26
N GLU A 78 10.40 -14.24 2.67
CA GLU A 78 9.77 -15.52 2.36
C GLU A 78 8.42 -15.64 3.05
N THR A 79 8.27 -14.98 4.20
CA THR A 79 6.98 -15.03 4.90
C THR A 79 5.93 -14.22 4.15
N VAL A 80 6.29 -13.05 3.62
CA VAL A 80 5.37 -12.30 2.77
C VAL A 80 4.86 -13.16 1.63
N ALA A 81 5.79 -13.86 0.96
CA ALA A 81 5.41 -14.73 -0.14
C ALA A 81 4.53 -15.88 0.35
N ASN A 82 4.89 -16.47 1.49
CA ASN A 82 4.10 -17.56 2.06
C ASN A 82 2.66 -17.14 2.31
N ARG A 83 2.44 -15.87 2.67
CA ARG A 83 1.11 -15.37 2.97
C ARG A 83 0.22 -15.26 1.74
N LEU A 84 0.74 -15.52 0.54
CA LEU A 84 -0.12 -15.70 -0.63
C LEU A 84 -1.22 -16.71 -0.34
N TYR A 85 -0.94 -17.68 0.52
CA TYR A 85 -1.92 -18.67 0.96
C TYR A 85 -2.36 -18.39 2.39
N MET B 9 -15.81 -13.40 -4.80
CA MET B 9 -14.80 -12.36 -4.85
C MET B 9 -15.33 -11.20 -5.71
N MET B 10 -15.40 -10.01 -5.12
CA MET B 10 -16.10 -8.87 -5.72
C MET B 10 -15.21 -8.07 -6.65
N LYS B 11 -15.85 -7.46 -7.65
CA LYS B 11 -15.18 -6.50 -8.51
C LYS B 11 -15.03 -5.13 -7.86
N PHE B 12 -16.07 -4.64 -7.19
CA PHE B 12 -16.03 -3.32 -6.56
C PHE B 12 -16.10 -3.45 -5.04
N ILE B 13 -15.28 -2.66 -4.35
CA ILE B 13 -15.22 -2.68 -2.89
C ILE B 13 -15.72 -1.34 -2.38
N ASN B 14 -16.65 -1.39 -1.43
CA ASN B 14 -17.13 -0.19 -0.75
C ASN B 14 -16.10 0.23 0.29
N ILE B 15 -15.53 1.43 0.11
CA ILE B 15 -14.51 1.94 1.02
C ILE B 15 -15.10 2.97 1.99
N GLY B 16 -16.41 2.97 2.17
CA GLY B 16 -17.04 3.84 3.14
C GLY B 16 -17.88 4.92 2.49
N TYR B 17 -19.06 5.15 3.05
CA TYR B 17 -19.95 6.25 2.64
C TYR B 17 -20.32 6.17 1.16
N GLY B 18 -20.47 4.95 0.66
CA GLY B 18 -20.91 4.71 -0.71
C GLY B 18 -19.84 4.78 -1.78
N ASN B 19 -18.61 5.14 -1.41
CA ASN B 19 -17.54 5.25 -2.39
C ASN B 19 -16.99 3.88 -2.74
N MET B 20 -16.71 3.65 -4.03
CA MET B 20 -16.36 2.34 -4.54
C MET B 20 -15.01 2.38 -5.26
N VAL B 21 -14.24 1.30 -5.12
CA VAL B 21 -12.97 1.13 -5.82
C VAL B 21 -12.95 -0.24 -6.49
N SER B 22 -12.40 -0.30 -7.70
CA SER B 22 -12.18 -1.57 -8.38
C SER B 22 -11.03 -2.32 -7.72
N ALA B 23 -11.31 -3.53 -7.23
CA ALA B 23 -10.32 -4.31 -6.51
C ALA B 23 -9.07 -4.58 -7.35
N ALA B 24 -9.25 -4.88 -8.63
CA ALA B 24 -8.13 -5.23 -9.49
C ALA B 24 -7.20 -4.06 -9.78
N ARG B 25 -7.60 -2.83 -9.44
CA ARG B 25 -6.79 -1.65 -9.70
C ARG B 25 -5.98 -1.22 -8.49
N ILE B 26 -6.14 -1.89 -7.35
CA ILE B 26 -5.45 -1.51 -6.13
C ILE B 26 -4.06 -2.11 -6.11
N ILE B 27 -3.07 -1.28 -5.79
CA ILE B 27 -1.70 -1.75 -5.58
C ILE B 27 -1.44 -2.06 -4.11
N THR B 28 -1.76 -1.11 -3.22
CA THR B 28 -1.49 -1.27 -1.81
C THR B 28 -2.49 -0.47 -1.00
N ILE B 29 -2.74 -0.93 0.23
CA ILE B 29 -3.65 -0.29 1.18
C ILE B 29 -2.90 -0.19 2.50
N VAL B 30 -2.59 1.03 2.94
CA VAL B 30 -1.71 1.23 4.09
C VAL B 30 -2.26 2.29 5.03
N SER B 31 -1.71 2.30 6.24
CA SER B 31 -2.03 3.31 7.23
C SER B 31 -1.39 4.66 6.86
N PRO B 32 -2.03 5.76 7.24
CA PRO B 32 -1.47 7.09 6.93
C PRO B 32 -0.45 7.56 7.95
N ASP B 33 0.25 6.61 8.58
CA ASP B 33 0.94 6.82 9.84
C ASP B 33 2.43 7.11 9.72
N SER B 34 2.90 7.66 8.60
CA SER B 34 4.33 7.96 8.51
C SER B 34 4.58 8.94 7.37
N ALA B 35 5.80 9.46 7.34
CA ALA B 35 6.15 10.51 6.40
C ALA B 35 6.07 10.08 4.93
N PRO B 36 6.55 8.90 4.52
CA PRO B 36 6.51 8.58 3.08
C PRO B 36 5.11 8.56 2.49
N ILE B 37 4.13 7.95 3.16
CA ILE B 37 2.78 7.94 2.61
C ILE B 37 2.19 9.35 2.62
N LYS B 38 2.57 10.18 3.60
CA LYS B 38 2.11 11.56 3.63
C LYS B 38 2.68 12.35 2.45
N ARG B 39 3.94 12.08 2.09
CA ARG B 39 4.51 12.64 0.86
C ARG B 39 3.70 12.23 -0.36
N ILE B 40 3.26 10.98 -0.40
CA ILE B 40 2.47 10.50 -1.53
C ILE B 40 1.12 11.21 -1.59
N ILE B 41 0.50 11.46 -0.44
CA ILE B 41 -0.79 12.15 -0.42
C ILE B 41 -0.64 13.59 -0.92
N GLN B 42 0.40 14.29 -0.43
CA GLN B 42 0.57 15.69 -0.82
C GLN B 42 0.92 15.80 -2.29
N ASP B 43 1.77 14.89 -2.80
CA ASP B 43 2.06 14.86 -4.23
C ASP B 43 0.79 14.69 -5.04
N ALA B 44 -0.08 13.76 -4.62
CA ALA B 44 -1.33 13.52 -5.34
C ALA B 44 -2.25 14.75 -5.27
N ARG B 45 -2.29 15.41 -4.13
CA ARG B 45 -3.09 16.63 -3.99
C ARG B 45 -2.63 17.70 -4.98
N GLU B 46 -1.32 17.90 -5.08
CA GLU B 46 -0.78 18.90 -6.00
C GLU B 46 -1.06 18.55 -7.46
N LYS B 47 -0.94 17.26 -7.81
CA LYS B 47 -1.08 16.81 -9.18
C LYS B 47 -2.52 16.58 -9.62
N GLY B 48 -3.49 16.68 -8.71
CA GLY B 48 -4.85 16.34 -9.07
C GLY B 48 -5.09 14.85 -9.22
N LYS B 49 -4.41 14.04 -8.42
CA LYS B 49 -4.61 12.60 -8.40
C LYS B 49 -5.22 12.12 -7.09
N LEU B 50 -5.50 13.02 -6.15
CA LEU B 50 -6.05 12.67 -4.85
C LEU B 50 -7.56 12.58 -4.90
N VAL B 51 -8.10 11.56 -4.23
CA VAL B 51 -9.54 11.39 -4.05
C VAL B 51 -9.79 11.20 -2.56
N ASP B 52 -10.65 12.05 -1.98
CA ASP B 52 -10.95 11.99 -0.56
C ASP B 52 -12.34 11.39 -0.40
N ALA B 53 -12.39 10.13 0.06
CA ALA B 53 -13.64 9.42 0.28
C ALA B 53 -13.95 9.27 1.77
N THR B 54 -13.37 10.10 2.62
CA THR B 54 -13.54 9.96 4.06
C THR B 54 -14.84 10.60 4.57
N HIS B 55 -15.47 11.44 3.77
CA HIS B 55 -16.75 12.07 4.13
C HIS B 55 -16.61 12.86 5.43
N GLY B 56 -15.46 13.53 5.57
CA GLY B 56 -15.17 14.37 6.72
C GLY B 56 -14.64 13.66 7.96
N ARG B 57 -14.39 12.36 7.91
CA ARG B 57 -13.92 11.64 9.09
C ARG B 57 -12.43 11.34 8.97
N ALA B 58 -11.85 10.87 10.07
CA ALA B 58 -10.42 10.59 10.11
C ALA B 58 -10.02 9.58 9.05
N THR B 59 -8.90 9.86 8.38
CA THR B 59 -8.33 8.92 7.42
C THR B 59 -7.74 7.72 8.15
N ALA B 60 -8.22 6.52 7.80
CA ALA B 60 -7.70 5.29 8.37
C ALA B 60 -6.94 4.43 7.37
N ALA B 61 -7.17 4.60 6.07
CA ALA B 61 -6.48 3.82 5.06
C ALA B 61 -6.20 4.68 3.83
N VAL B 62 -5.06 4.42 3.20
CA VAL B 62 -4.64 5.10 1.98
C VAL B 62 -4.51 4.06 0.87
N ILE B 63 -5.28 4.23 -0.19
CA ILE B 63 -5.33 3.29 -1.31
C ILE B 63 -4.59 3.90 -2.49
N ILE B 64 -3.56 3.20 -2.97
CA ILE B 64 -2.84 3.58 -4.17
C ILE B 64 -3.26 2.66 -5.30
N THR B 65 -3.71 3.24 -6.41
CA THR B 65 -4.20 2.48 -7.55
C THR B 65 -3.18 2.50 -8.69
N ASP B 66 -3.38 1.60 -9.66
CA ASP B 66 -2.40 1.46 -10.73
C ASP B 66 -2.37 2.70 -11.62
N SER B 67 -3.44 3.49 -11.64
CA SER B 67 -3.42 4.76 -12.33
C SER B 67 -2.72 5.83 -11.52
N ASP B 68 -2.15 5.44 -10.39
CA ASP B 68 -1.31 6.32 -9.58
C ASP B 68 -2.14 7.47 -9.00
N HIS B 69 -3.45 7.22 -8.88
CA HIS B 69 -4.36 7.95 -8.00
C HIS B 69 -4.17 7.49 -6.56
N VAL B 70 -4.54 8.37 -5.62
CA VAL B 70 -4.42 8.10 -4.19
C VAL B 70 -5.77 8.38 -3.55
N ILE B 71 -6.35 7.38 -2.89
CA ILE B 71 -7.72 7.46 -2.38
C ILE B 71 -7.70 7.32 -0.86
N LEU B 72 -8.28 8.30 -0.17
CA LEU B 72 -8.36 8.30 1.28
C LEU B 72 -9.67 7.65 1.73
N SER B 73 -9.57 6.73 2.70
CA SER B 73 -10.73 6.02 3.23
C SER B 73 -10.77 6.14 4.74
N SER B 74 -11.98 6.12 5.29
CA SER B 74 -12.19 6.18 6.74
C SER B 74 -12.21 4.81 7.41
N VAL B 75 -12.09 3.72 6.66
CA VAL B 75 -12.10 2.38 7.22
C VAL B 75 -10.68 1.83 7.28
N GLN B 76 -10.43 0.96 8.25
CA GLN B 76 -9.13 0.33 8.42
C GLN B 76 -8.71 -0.43 7.15
N PRO B 77 -7.40 -0.50 6.88
CA PRO B 77 -6.93 -1.23 5.68
C PRO B 77 -7.40 -2.67 5.61
N GLU B 78 -7.36 -3.40 6.73
CA GLU B 78 -7.81 -4.79 6.72
C GLU B 78 -9.29 -4.88 6.37
N THR B 79 -10.07 -3.85 6.70
CA THR B 79 -11.49 -3.86 6.36
C THR B 79 -11.71 -3.74 4.86
N VAL B 80 -10.94 -2.87 4.20
CA VAL B 80 -11.00 -2.77 2.74
C VAL B 80 -10.69 -4.12 2.10
N ALA B 81 -9.61 -4.77 2.56
CA ALA B 81 -9.21 -6.04 1.97
C ALA B 81 -10.24 -7.13 2.23
N ASN B 82 -10.74 -7.22 3.47
CA ASN B 82 -11.72 -8.26 3.79
C ASN B 82 -12.98 -8.15 2.94
N ARG B 83 -13.38 -6.92 2.56
CA ARG B 83 -14.59 -6.74 1.77
C ARG B 83 -14.45 -7.26 0.34
N LEU B 84 -13.26 -7.68 -0.09
CA LEU B 84 -13.12 -8.39 -1.35
C LEU B 84 -14.08 -9.57 -1.47
N TYR B 85 -14.40 -10.22 -0.35
CA TYR B 85 -15.32 -11.34 -0.32
C TYR B 85 -16.65 -10.91 0.29
N GLY B 86 -17.73 -11.42 -0.29
CA GLY B 86 -19.06 -11.14 0.20
C GLY B 86 -19.49 -12.09 1.31
#